data_8WB2
#
_entry.id   8WB2
#
_cell.length_a   75.685
_cell.length_b   75.685
_cell.length_c   208.238
_cell.angle_alpha   90.00
_cell.angle_beta   90.00
_cell.angle_gamma   120.00
#
_symmetry.space_group_name_H-M   'H 3 2'
#
loop_
_entity.id
_entity.type
_entity.pdbx_description
1 polymer 'Temperature-induced lipocalin-1'
2 non-polymer 'PROTOPORPHYRIN IX CONTAINING FE'
3 water water
#
_entity_poly.entity_id   1
_entity_poly.type   'polypeptide(L)'
_entity_poly.pdbx_seq_one_letter_code
;MGSSHHHHHHDDGLVPRGSHMTEKKEMEVVKGLNVERYMGRWYEIASFPSRFQPKNGVDTRATYTLNPDGTIHVLNETWS
NGKRGFIEGSAYKADPKSDEAKLKVKFYVPPFLPIIPVTGDYWVLYIDPDYQHALIGQPSRSYLWILSRTAQMEEETYKQ
LVEKAVEEGYDISKLHKTPQSDTPPESNTAPEDSKGVWWFKSLFGK
;
_entity_poly.pdbx_strand_id   A
#
# COMPACT_ATOMS: atom_id res chain seq x y z
N GLU A 26 -3.18 -21.65 0.46
CA GLU A 26 -4.16 -20.62 0.76
C GLU A 26 -3.64 -19.75 1.89
N MET A 27 -3.92 -18.45 1.84
CA MET A 27 -3.36 -17.48 2.77
C MET A 27 -4.36 -17.15 3.88
N GLU A 28 -3.82 -16.85 5.05
CA GLU A 28 -4.62 -16.40 6.18
C GLU A 28 -4.66 -14.88 6.15
N VAL A 29 -5.78 -14.33 5.70
CA VAL A 29 -6.00 -12.89 5.65
C VAL A 29 -6.77 -12.47 6.90
N VAL A 30 -6.53 -11.24 7.37
CA VAL A 30 -7.24 -10.79 8.57
C VAL A 30 -8.73 -10.67 8.24
N LYS A 31 -9.54 -10.93 9.25
CA LYS A 31 -10.99 -10.82 9.11
C LYS A 31 -11.47 -9.59 9.86
N GLY A 32 -12.53 -8.97 9.34
CA GLY A 32 -13.17 -7.87 10.05
C GLY A 32 -12.30 -6.63 10.19
N LEU A 33 -11.57 -6.27 9.14
CA LEU A 33 -10.76 -5.05 9.18
C LEU A 33 -11.61 -3.83 9.44
N ASN A 34 -11.10 -2.94 10.29
CA ASN A 34 -11.78 -1.68 10.58
C ASN A 34 -11.30 -0.67 9.55
N VAL A 35 -12.09 -0.48 8.48
CA VAL A 35 -11.62 0.31 7.33
C VAL A 35 -11.38 1.75 7.73
N GLU A 36 -12.35 2.36 8.43
CA GLU A 36 -12.16 3.71 8.96
C GLU A 36 -10.82 3.84 9.68
N ARG A 37 -10.52 2.88 10.55
CA ARG A 37 -9.30 2.97 11.35
C ARG A 37 -8.04 2.72 10.50
N TYR A 38 -8.15 1.93 9.42
CA TYR A 38 -7.02 1.67 8.55
C TYR A 38 -6.63 2.90 7.71
N MET A 39 -7.46 3.92 7.68
CA MET A 39 -7.17 5.08 6.84
C MET A 39 -6.03 5.90 7.43
N GLY A 40 -5.54 6.85 6.64
CA GLY A 40 -4.44 7.69 7.07
C GLY A 40 -3.13 7.30 6.42
N ARG A 41 -2.03 7.71 7.06
CA ARG A 41 -0.70 7.55 6.48
C ARG A 41 0.00 6.30 7.00
N TRP A 42 0.59 5.55 6.08
CA TRP A 42 1.41 4.38 6.37
C TRP A 42 2.75 4.54 5.68
N TYR A 43 3.83 4.32 6.41
CA TYR A 43 5.17 4.30 5.83
C TYR A 43 5.53 2.89 5.40
N GLU A 44 6.17 2.77 4.25
CA GLU A 44 6.65 1.47 3.80
C GLU A 44 8.01 1.23 4.47
N ILE A 45 8.06 0.25 5.37
CA ILE A 45 9.32 -0.08 6.04
C ILE A 45 10.20 -0.94 5.14
N ALA A 46 9.56 -1.81 4.38
CA ALA A 46 10.30 -2.71 3.48
C ALA A 46 9.33 -3.25 2.43
N SER A 47 9.85 -3.68 1.29
CA SER A 47 8.91 -4.14 0.24
C SER A 47 9.58 -4.91 -0.89
N PHE A 48 8.83 -5.82 -1.51
CA PHE A 48 9.30 -6.44 -2.76
C PHE A 48 8.51 -5.60 -3.74
N PRO A 49 9.01 -4.44 -4.22
CA PRO A 49 8.18 -3.52 -4.99
C PRO A 49 7.52 -4.09 -6.25
N SER A 50 6.31 -3.63 -6.57
CA SER A 50 5.68 -4.01 -7.85
C SER A 50 6.57 -3.59 -9.01
N ARG A 51 6.27 -4.04 -10.23
CA ARG A 51 7.14 -3.80 -11.38
C ARG A 51 7.32 -2.31 -11.66
N PHE A 52 6.26 -1.52 -11.52
CA PHE A 52 6.34 -0.10 -11.83
C PHE A 52 6.58 0.79 -10.62
N GLN A 53 6.53 0.26 -9.40
CA GLN A 53 6.91 1.05 -8.24
C GLN A 53 8.41 1.30 -8.27
N PRO A 54 8.88 2.55 -8.22
CA PRO A 54 10.31 2.81 -8.33
C PRO A 54 11.10 2.00 -7.32
N LYS A 55 12.24 1.45 -7.76
CA LYS A 55 12.87 0.38 -6.99
C LYS A 55 13.75 0.90 -5.87
N ASN A 56 14.41 2.04 -6.06
CA ASN A 56 15.27 2.52 -4.98
C ASN A 56 14.64 3.73 -4.31
N GLY A 57 13.38 3.59 -3.93
CA GLY A 57 12.67 4.69 -3.32
C GLY A 57 13.16 4.98 -1.93
N VAL A 58 13.05 6.24 -1.55
CA VAL A 58 13.31 6.72 -0.19
C VAL A 58 12.02 7.38 0.30
N ASP A 59 11.75 7.26 1.61
CA ASP A 59 10.64 7.95 2.24
C ASP A 59 9.29 7.52 1.67
N THR A 60 9.19 6.26 1.24
CA THR A 60 7.98 5.77 0.60
C THR A 60 6.83 5.68 1.60
N ARG A 61 5.65 6.15 1.18
CA ARG A 61 4.49 6.17 2.06
C ARG A 61 3.23 6.06 1.21
N ALA A 62 2.16 5.61 1.86
CA ALA A 62 0.83 5.58 1.28
C ALA A 62 -0.09 6.39 2.15
N THR A 63 -1.04 7.09 1.53
CA THR A 63 -2.11 7.76 2.27
C THR A 63 -3.43 7.20 1.78
N TYR A 64 -4.26 6.73 2.72
CA TYR A 64 -5.56 6.15 2.37
C TYR A 64 -6.66 7.03 2.93
N THR A 65 -7.70 7.26 2.13
CA THR A 65 -8.85 8.06 2.54
C THR A 65 -10.13 7.33 2.16
N LEU A 66 -11.10 7.33 3.08
CA LEU A 66 -12.36 6.64 2.82
C LEU A 66 -13.25 7.52 1.94
N ASN A 67 -13.62 7.03 0.77
CA ASN A 67 -14.49 7.77 -0.13
C ASN A 67 -15.94 7.66 0.30
N PRO A 68 -16.80 8.58 -0.14
CA PRO A 68 -18.21 8.52 0.25
C PRO A 68 -18.90 7.21 -0.10
N ASP A 69 -18.52 6.56 -1.20
CA ASP A 69 -19.15 5.31 -1.60
C ASP A 69 -18.52 4.09 -0.93
N GLY A 70 -17.61 4.28 0.02
CA GLY A 70 -17.01 3.18 0.72
C GLY A 70 -15.74 2.61 0.11
N THR A 71 -15.41 2.93 -1.14
CA THR A 71 -14.10 2.60 -1.65
C THR A 71 -13.05 3.47 -0.97
N ILE A 72 -11.78 3.21 -1.29
CA ILE A 72 -10.64 3.84 -0.65
C ILE A 72 -9.84 4.59 -1.70
N HIS A 73 -9.57 5.87 -1.45
CA HIS A 73 -8.63 6.59 -2.30
C HIS A 73 -7.21 6.28 -1.86
N VAL A 74 -6.34 6.02 -2.82
CA VAL A 74 -4.96 5.62 -2.57
C VAL A 74 -4.04 6.65 -3.17
N LEU A 75 -3.16 7.22 -2.34
CA LEU A 75 -2.04 8.04 -2.81
C LEU A 75 -0.75 7.37 -2.36
N ASN A 76 0.01 6.80 -3.29
CA ASN A 76 1.34 6.28 -3.00
C ASN A 76 2.40 7.29 -3.44
N GLU A 77 3.42 7.48 -2.60
CA GLU A 77 4.46 8.47 -2.84
C GLU A 77 5.82 7.84 -2.54
N THR A 78 6.82 8.24 -3.32
CA THR A 78 8.20 7.86 -3.02
C THR A 78 9.12 8.94 -3.59
N TRP A 79 10.33 9.01 -3.04
CA TRP A 79 11.34 9.94 -3.51
C TRP A 79 12.43 9.17 -4.24
N SER A 80 12.50 9.36 -5.56
CA SER A 80 13.48 8.71 -6.44
C SER A 80 14.57 9.74 -6.76
N ASN A 81 15.77 9.51 -6.24
CA ASN A 81 16.92 10.40 -6.46
C ASN A 81 16.56 11.85 -6.15
N GLY A 82 15.81 12.07 -5.07
CA GLY A 82 15.54 13.39 -4.59
C GLY A 82 14.24 14.02 -5.05
N LYS A 83 13.48 13.37 -5.93
CA LYS A 83 12.25 13.93 -6.49
C LYS A 83 11.04 13.11 -6.06
N ARG A 84 9.99 13.80 -5.63
CA ARG A 84 8.74 13.12 -5.32
C ARG A 84 8.08 12.56 -6.59
N GLY A 85 7.77 11.28 -6.58
CA GLY A 85 6.91 10.69 -7.59
C GLY A 85 5.71 10.08 -6.88
N PHE A 86 4.57 10.07 -7.56
CA PHE A 86 3.37 9.57 -6.89
C PHE A 86 2.42 8.96 -7.89
N ILE A 87 1.46 8.17 -7.39
CA ILE A 87 0.35 7.69 -8.20
C ILE A 87 -0.90 7.69 -7.34
N GLU A 88 -2.02 8.08 -7.95
CA GLU A 88 -3.34 8.08 -7.31
C GLU A 88 -4.14 6.91 -7.84
N GLY A 89 -4.82 6.20 -6.97
CA GLY A 89 -5.64 5.09 -7.40
C GLY A 89 -6.74 4.83 -6.39
N SER A 90 -7.27 3.60 -6.44
CA SER A 90 -8.39 3.21 -5.60
C SER A 90 -8.16 1.81 -5.05
N ALA A 91 -8.77 1.54 -3.91
CA ALA A 91 -8.84 0.18 -3.38
C ALA A 91 -10.27 -0.13 -2.99
N TYR A 92 -10.65 -1.40 -3.11
CA TYR A 92 -12.00 -1.81 -2.77
C TYR A 92 -12.00 -3.30 -2.45
N LYS A 93 -13.10 -3.75 -1.86
CA LYS A 93 -13.25 -5.15 -1.44
C LYS A 93 -13.40 -6.05 -2.67
N ALA A 94 -12.57 -7.10 -2.74
CA ALA A 94 -12.72 -8.09 -3.81
C ALA A 94 -14.10 -8.78 -3.75
N ASP A 95 -14.57 -9.11 -2.55
CA ASP A 95 -15.91 -9.65 -2.35
C ASP A 95 -16.53 -8.91 -1.18
N PRO A 96 -17.46 -7.99 -1.45
CA PRO A 96 -18.07 -7.19 -0.36
C PRO A 96 -18.77 -8.04 0.70
N LYS A 97 -19.29 -9.21 0.34
CA LYS A 97 -19.99 -10.04 1.30
C LYS A 97 -19.05 -10.78 2.24
N SER A 98 -17.76 -10.83 1.93
CA SER A 98 -16.79 -11.53 2.74
C SER A 98 -16.25 -10.63 3.84
N ASP A 99 -15.85 -11.23 4.95
CA ASP A 99 -15.20 -10.48 6.02
C ASP A 99 -13.68 -10.57 5.93
N GLU A 100 -13.14 -11.16 4.87
CA GLU A 100 -11.69 -11.25 4.69
C GLU A 100 -11.17 -9.94 4.09
N ALA A 101 -10.01 -9.50 4.59
CA ALA A 101 -9.42 -8.25 4.13
C ALA A 101 -8.68 -8.48 2.81
N LYS A 102 -9.43 -8.95 1.81
CA LYS A 102 -8.92 -9.13 0.46
C LYS A 102 -9.40 -7.96 -0.39
N LEU A 103 -8.47 -7.05 -0.70
CA LEU A 103 -8.79 -5.89 -1.51
C LEU A 103 -8.20 -6.06 -2.90
N LYS A 104 -8.71 -5.25 -3.81
CA LYS A 104 -8.07 -4.99 -5.09
C LYS A 104 -7.66 -3.53 -5.09
N VAL A 105 -6.49 -3.24 -5.66
CA VAL A 105 -6.11 -1.87 -5.97
C VAL A 105 -6.25 -1.68 -7.47
N LYS A 106 -6.63 -0.48 -7.88
CA LYS A 106 -6.88 -0.17 -9.29
C LYS A 106 -6.24 1.17 -9.63
N PHE A 107 -5.45 1.19 -10.69
CA PHE A 107 -4.80 2.40 -11.18
C PHE A 107 -5.08 2.57 -12.66
N TYR A 108 -5.03 3.82 -13.14
CA TYR A 108 -5.07 4.11 -14.57
C TYR A 108 -3.69 4.59 -15.00
N VAL A 109 -3.11 3.91 -15.99
CA VAL A 109 -1.73 4.16 -16.40
C VAL A 109 -1.69 4.28 -17.92
N PRO A 110 -0.62 4.91 -18.47
CA PRO A 110 0.41 5.70 -17.76
C PRO A 110 -0.19 6.91 -17.07
N PRO A 111 0.45 7.43 -16.02
CA PRO A 111 -0.11 8.60 -15.33
C PRO A 111 -0.34 9.77 -16.26
N PHE A 112 0.51 9.93 -17.29
CA PHE A 112 0.41 11.05 -18.20
C PHE A 112 -0.54 10.78 -19.37
N LEU A 113 -1.11 9.59 -19.45
CA LEU A 113 -2.16 9.26 -20.42
C LEU A 113 -2.98 8.12 -19.84
N PRO A 114 -3.79 8.42 -18.82
CA PRO A 114 -4.33 7.36 -17.93
C PRO A 114 -5.53 6.64 -18.53
N ILE A 115 -5.27 5.82 -19.54
CA ILE A 115 -6.33 5.14 -20.28
C ILE A 115 -6.34 3.64 -20.07
N ILE A 116 -5.33 3.08 -19.42
CA ILE A 116 -5.22 1.64 -19.22
C ILE A 116 -5.51 1.33 -17.76
N PRO A 117 -6.62 0.65 -17.45
CA PRO A 117 -6.88 0.24 -16.06
C PRO A 117 -6.08 -1.00 -15.70
N VAL A 118 -5.36 -0.94 -14.60
CA VAL A 118 -4.64 -2.11 -14.10
C VAL A 118 -5.09 -2.36 -12.67
N THR A 119 -5.25 -3.64 -12.32
CA THR A 119 -5.66 -4.04 -10.98
C THR A 119 -4.70 -5.10 -10.44
N GLY A 120 -4.68 -5.23 -9.12
CA GLY A 120 -3.91 -6.29 -8.47
C GLY A 120 -4.45 -6.55 -7.08
N ASP A 121 -4.01 -7.67 -6.48
CA ASP A 121 -4.49 -8.07 -5.18
C ASP A 121 -3.75 -7.36 -4.05
N TYR A 122 -4.51 -6.92 -3.05
CA TYR A 122 -3.99 -6.22 -1.85
C TYR A 122 -4.63 -6.94 -0.67
N TRP A 123 -3.89 -7.86 -0.05
CA TRP A 123 -4.39 -8.67 1.05
C TRP A 123 -3.69 -8.26 2.33
N VAL A 124 -4.46 -7.90 3.35
CA VAL A 124 -3.90 -7.60 4.67
C VAL A 124 -3.66 -8.93 5.38
N LEU A 125 -2.40 -9.36 5.42
CA LEU A 125 -2.07 -10.63 6.06
C LEU A 125 -2.06 -10.52 7.57
N TYR A 126 -1.73 -9.35 8.10
CA TYR A 126 -1.65 -9.16 9.54
C TYR A 126 -1.77 -7.69 9.86
N ILE A 127 -2.44 -7.38 10.97
CA ILE A 127 -2.43 -6.04 11.52
C ILE A 127 -2.57 -6.19 13.03
N ASP A 128 -1.90 -5.32 13.77
CA ASP A 128 -1.92 -5.44 15.22
C ASP A 128 -3.18 -4.77 15.77
N PRO A 129 -3.54 -5.06 17.03
CA PRO A 129 -4.80 -4.49 17.54
C PRO A 129 -4.84 -2.97 17.50
N ASP A 130 -3.69 -2.29 17.59
CA ASP A 130 -3.65 -0.83 17.62
C ASP A 130 -3.56 -0.20 16.24
N TYR A 131 -3.59 -0.99 15.17
CA TYR A 131 -3.52 -0.49 13.79
C TYR A 131 -2.28 0.36 13.58
N GLN A 132 -1.15 -0.15 14.08
CA GLN A 132 0.13 0.55 13.99
C GLN A 132 1.10 -0.06 12.99
N HIS A 133 0.93 -1.33 12.64
CA HIS A 133 1.75 -1.93 11.61
C HIS A 133 1.00 -3.06 10.95
N ALA A 134 1.35 -3.34 9.69
CA ALA A 134 0.59 -4.29 8.90
C ALA A 134 1.52 -4.97 7.90
N LEU A 135 1.14 -6.18 7.52
CA LEU A 135 1.82 -6.96 6.49
C LEU A 135 0.84 -7.12 5.34
N ILE A 136 1.24 -6.64 4.16
CA ILE A 136 0.41 -6.69 2.96
C ILE A 136 1.03 -7.68 1.98
N GLY A 137 0.21 -8.60 1.46
CA GLY A 137 0.70 -9.56 0.49
C GLY A 137 -0.33 -9.96 -0.54
N GLN A 138 -0.05 -11.03 -1.29
CA GLN A 138 -0.95 -11.45 -2.36
C GLN A 138 -0.68 -12.91 -2.66
N PRO A 139 -1.66 -13.64 -3.19
CA PRO A 139 -1.49 -15.10 -3.36
C PRO A 139 -0.36 -15.49 -4.27
N SER A 140 0.06 -14.61 -5.19
CA SER A 140 1.19 -14.93 -6.07
C SER A 140 2.52 -14.96 -5.33
N ARG A 141 2.58 -14.42 -4.11
CA ARG A 141 3.83 -14.30 -3.34
C ARG A 141 4.90 -13.51 -4.11
N SER A 142 4.47 -12.70 -5.08
CA SER A 142 5.40 -11.88 -5.85
C SER A 142 5.82 -10.63 -5.08
N TYR A 143 4.85 -9.96 -4.46
CA TYR A 143 5.07 -8.65 -3.88
C TYR A 143 4.58 -8.66 -2.43
N LEU A 144 5.13 -7.75 -1.65
CA LEU A 144 5.04 -7.78 -0.20
C LEU A 144 5.38 -6.39 0.30
N TRP A 145 4.65 -5.91 1.31
CA TRP A 145 4.93 -4.63 1.92
C TRP A 145 4.75 -4.74 3.42
N ILE A 146 5.68 -4.18 4.17
CA ILE A 146 5.52 -4.05 5.62
C ILE A 146 5.32 -2.58 5.90
N LEU A 147 4.19 -2.24 6.53
CA LEU A 147 3.76 -0.86 6.71
C LEU A 147 3.75 -0.50 8.19
N SER A 148 3.95 0.78 8.49
CA SER A 148 4.03 1.24 9.88
C SER A 148 3.53 2.67 9.97
N ARG A 149 2.82 2.99 11.06
CA ARG A 149 2.42 4.40 11.24
C ARG A 149 3.62 5.30 11.53
N THR A 150 4.71 4.72 12.07
CA THR A 150 5.98 5.41 12.28
CA THR A 150 5.97 5.43 12.27
C THR A 150 6.96 5.01 11.19
N ALA A 151 7.71 5.99 10.68
CA ALA A 151 8.72 5.70 9.67
C ALA A 151 9.87 4.86 10.22
N GLN A 152 10.09 4.90 11.54
CA GLN A 152 11.14 4.16 12.24
C GLN A 152 10.48 3.05 13.07
N MET A 153 10.48 1.83 12.55
CA MET A 153 9.79 0.71 13.18
C MET A 153 10.69 -0.03 14.16
N GLU A 154 10.11 -0.40 15.31
CA GLU A 154 10.85 -1.15 16.33
C GLU A 154 11.35 -2.48 15.76
N GLU A 155 12.60 -2.83 16.13
CA GLU A 155 13.28 -3.91 15.41
C GLU A 155 12.65 -5.27 15.67
N GLU A 156 12.28 -5.56 16.92
CA GLU A 156 11.63 -6.83 17.20
C GLU A 156 10.30 -6.96 16.46
N THR A 157 9.53 -5.87 16.38
CA THR A 157 8.28 -5.89 15.62
C THR A 157 8.54 -6.14 14.14
N TYR A 158 9.59 -5.53 13.60
CA TYR A 158 9.94 -5.79 12.20
C TYR A 158 10.23 -7.27 11.98
N LYS A 159 11.05 -7.87 12.85
CA LYS A 159 11.38 -9.28 12.68
C LYS A 159 10.14 -10.16 12.77
N GLN A 160 9.20 -9.83 13.66
CA GLN A 160 7.98 -10.62 13.77
C GLN A 160 7.17 -10.59 12.47
N LEU A 161 7.08 -9.43 11.82
CA LEU A 161 6.29 -9.36 10.59
C LEU A 161 7.00 -10.06 9.44
N VAL A 162 8.33 -9.97 9.39
CA VAL A 162 9.08 -10.74 8.41
C VAL A 162 8.82 -12.24 8.61
N GLU A 163 8.84 -12.69 9.87
CA GLU A 163 8.55 -14.09 10.14
CA GLU A 163 8.54 -14.09 10.17
C GLU A 163 7.13 -14.46 9.70
N LYS A 164 6.17 -13.55 9.90
CA LYS A 164 4.81 -13.80 9.44
C LYS A 164 4.78 -13.96 7.92
N ALA A 165 5.62 -13.23 7.19
CA ALA A 165 5.67 -13.44 5.74
C ALA A 165 6.22 -14.81 5.40
N VAL A 166 7.21 -15.29 6.16
CA VAL A 166 7.73 -16.65 5.94
C VAL A 166 6.63 -17.69 6.18
N GLU A 167 5.82 -17.50 7.22
CA GLU A 167 4.70 -18.41 7.48
C GLU A 167 3.77 -18.50 6.27
N GLU A 168 3.66 -17.43 5.49
CA GLU A 168 2.81 -17.43 4.31
C GLU A 168 3.55 -17.83 3.04
N GLY A 169 4.80 -18.24 3.14
CA GLY A 169 5.51 -18.82 2.02
C GLY A 169 6.31 -17.86 1.18
N TYR A 170 6.64 -16.69 1.70
CA TYR A 170 7.52 -15.77 1.01
C TYR A 170 8.97 -16.14 1.28
N ASP A 171 9.82 -15.93 0.26
CA ASP A 171 11.26 -15.97 0.43
C ASP A 171 11.76 -14.56 0.73
N ILE A 172 12.11 -14.31 1.99
CA ILE A 172 12.44 -12.96 2.44
C ILE A 172 13.94 -12.70 2.38
N SER A 173 14.67 -13.51 1.59
CA SER A 173 16.13 -13.46 1.62
C SER A 173 16.68 -12.14 1.09
N LYS A 174 16.10 -11.61 0.01
CA LYS A 174 16.57 -10.36 -0.59
C LYS A 174 15.71 -9.16 -0.20
N LEU A 175 14.99 -9.25 0.92
CA LEU A 175 14.14 -8.15 1.36
C LEU A 175 14.99 -7.07 2.03
N HIS A 176 14.99 -5.88 1.45
CA HIS A 176 15.75 -4.76 1.99
C HIS A 176 14.81 -3.68 2.51
N LYS A 177 15.21 -3.04 3.61
CA LYS A 177 14.39 -1.98 4.17
C LYS A 177 14.41 -0.76 3.26
N THR A 178 13.29 -0.09 3.21
CA THR A 178 13.17 1.17 2.50
C THR A 178 13.80 2.28 3.33
N PRO A 179 14.77 3.02 2.80
CA PRO A 179 15.33 4.14 3.57
C PRO A 179 14.26 5.16 3.90
N GLN A 180 14.26 5.62 5.15
CA GLN A 180 13.34 6.64 5.65
C GLN A 180 14.16 7.74 6.30
N SER A 181 13.90 8.98 5.91
CA SER A 181 14.60 10.11 6.48
C SER A 181 14.24 10.29 7.96
N ASP A 182 15.02 11.11 8.67
CA ASP A 182 14.72 11.36 10.09
C ASP A 182 13.40 12.10 10.25
N THR A 183 13.08 13.00 9.33
CA THR A 183 11.84 13.76 9.28
C THR A 183 11.17 13.53 7.92
N PRO A 184 9.87 13.31 7.89
CA PRO A 184 9.22 12.98 6.60
C PRO A 184 9.10 14.21 5.71
N PRO A 185 9.38 14.08 4.42
CA PRO A 185 9.25 15.23 3.53
C PRO A 185 7.80 15.66 3.44
N GLU A 186 7.59 16.94 3.15
CA GLU A 186 6.25 17.50 3.06
C GLU A 186 5.67 17.31 1.66
N SER A 187 4.36 17.08 1.60
CA SER A 187 3.69 16.98 0.32
C SER A 187 2.21 17.26 0.54
N ASN A 188 1.51 17.54 -0.56
CA ASN A 188 0.05 17.67 -0.55
C ASN A 188 -0.55 16.28 -0.64
N THR A 189 -1.23 15.85 0.43
CA THR A 189 -1.85 14.51 0.43
C THR A 189 -3.37 14.57 0.48
N ALA A 190 -3.97 15.72 0.18
CA ALA A 190 -5.42 15.78 0.03
C ALA A 190 -5.84 14.89 -1.14
N PRO A 191 -7.04 14.28 -1.08
CA PRO A 191 -7.44 13.35 -2.15
C PRO A 191 -7.75 14.10 -3.43
N GLU A 192 -7.09 13.72 -4.52
CA GLU A 192 -7.20 14.47 -5.77
C GLU A 192 -7.12 13.51 -6.95
N ASP A 193 -7.67 13.98 -8.06
CA ASP A 193 -7.50 13.34 -9.37
C ASP A 193 -6.70 14.35 -10.19
N SER A 194 -5.38 14.30 -10.06
CA SER A 194 -4.56 15.33 -10.68
C SER A 194 -4.32 15.11 -12.16
N LYS A 195 -4.57 13.90 -12.67
CA LYS A 195 -4.27 13.62 -14.07
C LYS A 195 -5.50 13.72 -14.98
N GLY A 196 -6.70 13.88 -14.41
CA GLY A 196 -7.88 14.07 -15.23
C GLY A 196 -8.61 12.81 -15.59
N VAL A 197 -8.52 11.77 -14.75
CA VAL A 197 -9.28 10.55 -15.02
C VAL A 197 -10.77 10.85 -15.12
N TRP A 198 -11.26 11.86 -14.36
CA TRP A 198 -12.68 12.20 -14.44
C TRP A 198 -13.12 12.50 -15.88
N TRP A 199 -12.23 13.06 -16.70
CA TRP A 199 -12.62 13.41 -18.06
C TRP A 199 -12.75 12.15 -18.91
N PHE A 200 -11.80 11.24 -18.77
CA PHE A 200 -11.85 9.97 -19.49
C PHE A 200 -13.09 9.17 -19.10
N LYS A 201 -13.49 9.24 -17.82
CA LYS A 201 -14.65 8.49 -17.37
C LYS A 201 -15.96 9.17 -17.75
N SER A 202 -15.98 10.50 -17.86
CA SER A 202 -17.17 11.18 -18.38
C SER A 202 -17.51 10.73 -19.79
N LEU A 203 -16.54 10.19 -20.54
CA LEU A 203 -16.80 9.74 -21.89
C LEU A 203 -17.74 8.54 -21.93
N PHE A 204 -17.74 7.73 -20.88
CA PHE A 204 -18.45 6.47 -20.90
C PHE A 204 -19.42 6.34 -19.74
#